data_3PGZ
#
_entry.id   3PGZ
#
_cell.length_a   93.760
_cell.length_b   93.760
_cell.length_c   63.510
_cell.angle_alpha   90.00
_cell.angle_beta   90.00
_cell.angle_gamma   120.00
#
_symmetry.space_group_name_H-M   'P 32 2 1'
#
loop_
_entity.id
_entity.type
_entity.pdbx_description
1 polymer 'Single-stranded DNA-binding protein'
2 non-polymer 'UNKNOWN ATOM OR ION'
3 water water
#
_entity_poly.entity_id   1
_entity_poly.type   'polypeptide(L)'
_entity_poly.pdbx_seq_one_letter_code
;MAHHHHHHMGTLEAQTQGPGSMAGSLNKVILIGNLGADPEIRRLNSGDQVANLRIATSESWRDRNTNERKERTEWHNIVI
FNENLVKVVEQYLKKGSKIYIEGQLQTRKWQDQNGNDRYTTEIVLQKYRGELQMLDGRAAAGGEQMQGANQSSGAYSSVG
FGDNSANQRDVFGSNNSQLGESFSHKLDDDVPF
;
_entity_poly.pdbx_strand_id   A,B
#
loop_
_chem_comp.id
_chem_comp.type
_chem_comp.name
_chem_comp.formula
UNX non-polymer 'UNKNOWN ATOM OR ION' ?
#
# COMPACT_ATOMS: atom_id res chain seq x y z
N ALA A 23 1.57 10.17 -17.97
CA ALA A 23 1.49 9.56 -16.59
C ALA A 23 2.30 10.44 -15.64
N GLY A 24 3.63 10.28 -15.70
CA GLY A 24 4.55 10.79 -14.69
C GLY A 24 4.13 10.34 -13.29
N SER A 25 3.67 9.09 -13.15
CA SER A 25 3.37 8.52 -11.84
C SER A 25 3.64 7.04 -11.75
N LEU A 26 3.75 6.60 -10.49
CA LEU A 26 4.18 5.27 -10.13
C LEU A 26 3.55 4.85 -8.80
N ASN A 27 2.99 3.65 -8.77
CA ASN A 27 2.35 3.11 -7.61
C ASN A 27 2.82 1.66 -7.49
N LYS A 28 3.80 1.42 -6.64
CA LYS A 28 4.45 0.11 -6.58
C LYS A 28 4.68 -0.25 -5.15
N VAL A 29 4.23 -1.43 -4.75
CA VAL A 29 4.55 -2.02 -3.45
C VAL A 29 5.35 -3.29 -3.70
N ILE A 30 6.43 -3.46 -2.94
CA ILE A 30 7.25 -4.64 -2.96
C ILE A 30 7.26 -5.22 -1.54
N LEU A 31 6.86 -6.48 -1.42
CA LEU A 31 6.89 -7.21 -0.17
C LEU A 31 7.61 -8.54 -0.31
N ILE A 32 8.31 -8.89 0.77
CA ILE A 32 8.75 -10.24 1.01
C ILE A 32 8.20 -10.62 2.38
N GLY A 33 7.46 -11.73 2.44
CA GLY A 33 6.89 -12.18 3.70
C GLY A 33 6.25 -13.56 3.59
N ASN A 34 5.62 -14.01 4.66
CA ASN A 34 5.11 -15.36 4.79
C ASN A 34 3.58 -15.33 4.80
N LEU A 35 2.93 -16.26 4.10
CA LEU A 35 1.45 -16.33 4.12
C LEU A 35 1.02 -16.70 5.51
N GLY A 36 0.08 -15.93 6.03
CA GLY A 36 -0.42 -16.13 7.39
C GLY A 36 -1.61 -17.07 7.40
N ALA A 37 -2.03 -17.47 6.23
CA ALA A 37 -3.13 -18.43 6.09
C ALA A 37 -3.01 -19.07 4.73
N ASP A 38 -3.67 -20.20 4.55
CA ASP A 38 -3.77 -20.79 3.22
C ASP A 38 -4.42 -19.78 2.29
N PRO A 39 -4.00 -19.79 1.04
CA PRO A 39 -4.59 -18.82 0.16
C PRO A 39 -6.06 -19.15 -0.13
N GLU A 40 -6.79 -18.12 -0.55
CA GLU A 40 -8.17 -18.22 -0.91
C GLU A 40 -8.25 -18.01 -2.39
N ILE A 41 -8.91 -18.90 -3.10
CA ILE A 41 -9.07 -18.78 -4.54
C ILE A 41 -10.54 -18.85 -4.83
N ARG A 42 -11.02 -17.94 -5.67
CA ARG A 42 -12.45 -17.88 -6.00
CA ARG A 42 -12.44 -17.90 -6.01
C ARG A 42 -12.64 -17.53 -7.46
N ARG A 43 -13.80 -17.94 -7.99
CA ARG A 43 -14.17 -17.64 -9.34
C ARG A 43 -15.19 -16.54 -9.20
N LEU A 44 -14.94 -15.40 -9.83
CA LEU A 44 -15.91 -14.31 -9.81
C LEU A 44 -17.06 -14.58 -10.80
N ASN A 45 -18.08 -13.71 -10.81
CA ASN A 45 -19.24 -13.92 -11.69
C ASN A 45 -18.88 -13.69 -13.17
N SER A 46 -17.82 -12.95 -13.42
CA SER A 46 -17.30 -12.79 -14.77
C SER A 46 -16.72 -14.07 -15.32
N GLY A 47 -16.46 -15.03 -14.44
CA GLY A 47 -15.74 -16.24 -14.79
C GLY A 47 -14.24 -16.14 -14.45
N ASP A 48 -13.74 -14.95 -14.22
CA ASP A 48 -12.31 -14.80 -13.87
C ASP A 48 -12.04 -15.37 -12.48
N GLN A 49 -10.80 -15.73 -12.24
CA GLN A 49 -10.37 -16.16 -10.92
C GLN A 49 -9.68 -15.04 -10.16
N VAL A 50 -9.82 -15.07 -8.84
CA VAL A 50 -9.11 -14.15 -7.98
C VAL A 50 -8.47 -14.90 -6.82
N ALA A 51 -7.30 -14.46 -6.39
CA ALA A 51 -6.70 -14.98 -5.17
C ALA A 51 -6.58 -13.87 -4.12
N ASN A 52 -6.94 -14.21 -2.90
CA ASN A 52 -6.70 -13.40 -1.74
C ASN A 52 -5.67 -14.10 -0.85
N LEU A 53 -4.63 -13.36 -0.48
CA LEU A 53 -3.61 -13.82 0.42
C LEU A 53 -3.40 -12.80 1.52
N ARG A 54 -2.81 -13.25 2.62
CA ARG A 54 -2.50 -12.41 3.72
C ARG A 54 -1.06 -12.69 4.13
N ILE A 55 -0.21 -11.67 4.09
CA ILE A 55 1.24 -11.79 4.17
C ILE A 55 1.74 -10.98 5.39
N ALA A 56 2.61 -11.56 6.22
CA ALA A 56 3.24 -10.87 7.35
C ALA A 56 4.63 -10.39 6.97
N THR A 57 4.96 -9.15 7.32
CA THR A 57 6.31 -8.67 7.31
C THR A 57 6.61 -8.18 8.72
N SER A 58 7.86 -8.16 9.12
CA SER A 58 8.13 -7.80 10.49
C SER A 58 9.34 -6.92 10.63
N GLU A 59 9.36 -6.19 11.72
CA GLU A 59 10.45 -5.32 12.04
C GLU A 59 10.73 -5.40 13.53
N SER A 60 12.02 -5.51 13.90
CA SER A 60 12.48 -5.50 15.31
C SER A 60 13.20 -4.20 15.73
N TRP A 61 13.10 -3.84 17.01
CA TRP A 61 13.85 -2.68 17.56
C TRP A 61 13.88 -2.70 19.10
N ARG A 62 14.72 -1.85 19.70
CA ARG A 62 14.85 -1.73 21.19
C ARG A 62 14.53 -0.32 21.68
N ASP A 63 14.62 -0.09 22.99
CA ASP A 63 14.53 1.25 23.62
C ASP A 63 15.15 1.32 25.00
N ARG A 69 13.98 -5.09 23.41
CA ARG A 69 13.60 -5.83 22.18
C ARG A 69 12.10 -5.85 21.95
N LYS A 70 11.66 -5.26 20.84
CA LYS A 70 10.26 -5.30 20.42
C LYS A 70 10.16 -5.79 18.98
N GLU A 71 9.09 -6.54 18.69
CA GLU A 71 8.73 -6.91 17.33
C GLU A 71 7.40 -6.26 17.00
N ARG A 72 7.24 -5.83 15.74
CA ARG A 72 5.92 -5.51 15.18
C ARG A 72 5.75 -6.23 13.84
N THR A 73 4.68 -7.03 13.77
CA THR A 73 4.27 -7.67 12.55
C THR A 73 3.25 -6.80 11.85
N GLU A 74 3.47 -6.60 10.55
CA GLU A 74 2.54 -5.90 9.70
C GLU A 74 1.88 -6.97 8.82
N TRP A 75 0.55 -6.92 8.74
CA TRP A 75 -0.23 -7.82 7.93
C TRP A 75 -0.71 -7.07 6.71
N HIS A 76 -0.51 -7.68 5.52
CA HIS A 76 -0.81 -7.08 4.25
C HIS A 76 -1.86 -7.95 3.57
N ASN A 77 -2.90 -7.33 3.01
CA ASN A 77 -3.92 -8.08 2.30
C ASN A 77 -3.76 -7.90 0.81
N ILE A 78 -3.48 -9.02 0.13
CA ILE A 78 -3.10 -9.07 -1.26
C ILE A 78 -4.31 -9.65 -2.04
N VAL A 79 -4.67 -9.00 -3.16
CA VAL A 79 -5.71 -9.45 -4.05
C VAL A 79 -5.06 -9.63 -5.42
N ILE A 80 -5.13 -10.82 -6.02
CA ILE A 80 -4.47 -11.06 -7.30
C ILE A 80 -5.53 -11.40 -8.36
N PHE A 81 -5.61 -10.55 -9.40
CA PHE A 81 -6.46 -10.76 -10.57
C PHE A 81 -5.70 -11.30 -11.77
N ASN A 82 -4.37 -11.16 -11.76
CA ASN A 82 -3.51 -11.72 -12.77
C ASN A 82 -3.69 -13.22 -12.75
N GLU A 83 -4.27 -13.77 -13.81
CA GLU A 83 -4.62 -15.18 -13.79
C GLU A 83 -3.45 -16.14 -13.87
N ASN A 84 -2.36 -15.74 -14.53
CA ASN A 84 -1.16 -16.53 -14.48
C ASN A 84 -0.63 -16.59 -13.06
N LEU A 85 -0.80 -15.55 -12.27
CA LEU A 85 -0.23 -15.60 -10.90
C LEU A 85 -1.20 -16.28 -9.92
N VAL A 86 -2.51 -16.24 -10.22
CA VAL A 86 -3.48 -17.00 -9.46
C VAL A 86 -3.13 -18.47 -9.58
N LYS A 87 -2.72 -18.93 -10.77
CA LYS A 87 -2.39 -20.35 -10.97
C LYS A 87 -1.19 -20.71 -10.13
N VAL A 88 -0.21 -19.83 -9.98
CA VAL A 88 0.94 -20.09 -9.10
C VAL A 88 0.47 -20.25 -7.64
N VAL A 89 -0.42 -19.39 -7.18
CA VAL A 89 -0.96 -19.48 -5.83
C VAL A 89 -1.65 -20.83 -5.61
N GLU A 90 -2.52 -21.20 -6.55
CA GLU A 90 -3.24 -22.47 -6.51
C GLU A 90 -2.35 -23.70 -6.45
N GLN A 91 -1.34 -23.71 -7.30
CA GLN A 91 -0.53 -24.90 -7.53
C GLN A 91 0.60 -25.05 -6.52
N TYR A 92 1.07 -23.93 -5.95
CA TYR A 92 2.21 -23.94 -5.05
C TYR A 92 2.05 -23.34 -3.67
N LEU A 93 1.17 -22.39 -3.42
CA LEU A 93 1.28 -21.66 -2.17
C LEU A 93 0.40 -22.23 -1.06
N LYS A 94 0.92 -22.17 0.16
CA LYS A 94 0.18 -22.59 1.32
C LYS A 94 0.59 -21.72 2.50
N LYS A 95 -0.09 -21.86 3.62
CA LYS A 95 0.24 -21.19 4.87
C LYS A 95 1.72 -21.40 5.19
N GLY A 96 2.41 -20.33 5.54
CA GLY A 96 3.84 -20.41 5.84
C GLY A 96 4.74 -20.08 4.68
N SER A 97 4.28 -20.24 3.43
CA SER A 97 5.14 -20.00 2.25
C SER A 97 5.74 -18.61 2.27
N LYS A 98 7.01 -18.49 1.95
CA LYS A 98 7.64 -17.20 1.80
C LYS A 98 7.56 -16.76 0.35
N ILE A 99 7.09 -15.53 0.14
CA ILE A 99 7.01 -14.99 -1.22
C ILE A 99 7.51 -13.58 -1.33
N TYR A 100 7.86 -13.24 -2.57
CA TYR A 100 8.08 -11.89 -3.02
C TYR A 100 6.88 -11.55 -3.90
N ILE A 101 6.37 -10.36 -3.71
CA ILE A 101 5.28 -9.89 -4.51
CA ILE A 101 5.28 -9.87 -4.54
C ILE A 101 5.46 -8.40 -4.85
N GLU A 102 5.14 -8.04 -6.10
CA GLU A 102 5.06 -6.68 -6.51
C GLU A 102 3.65 -6.43 -6.95
N GLY A 103 3.06 -5.36 -6.43
CA GLY A 103 1.73 -4.94 -6.83
C GLY A 103 1.55 -3.44 -6.69
N GLN A 104 0.31 -3.02 -6.58
CA GLN A 104 -0.06 -1.63 -6.52
C GLN A 104 -1.07 -1.47 -5.37
N LEU A 105 -0.99 -0.33 -4.70
CA LEU A 105 -1.92 0.00 -3.63
C LEU A 105 -3.23 0.48 -4.21
N GLN A 106 -4.31 -0.09 -3.71
CA GLN A 106 -5.65 0.40 -4.03
C GLN A 106 -6.54 0.46 -2.78
N THR A 107 -7.20 1.58 -2.56
CA THR A 107 -8.08 1.73 -1.41
C THR A 107 -9.50 1.75 -1.96
N ARG A 108 -10.35 0.84 -1.52
CA ARG A 108 -11.71 0.77 -2.01
C ARG A 108 -12.66 1.16 -0.90
N LYS A 109 -13.83 1.61 -1.33
CA LYS A 109 -14.85 2.10 -0.42
C LYS A 109 -15.92 1.06 -0.29
N TRP A 110 -16.44 0.90 0.91
CA TRP A 110 -17.58 0.00 1.14
C TRP A 110 -18.44 0.57 2.29
N GLN A 111 -19.63 0.03 2.46
CA GLN A 111 -20.54 0.52 3.49
C GLN A 111 -20.76 -0.57 4.53
N ASP A 112 -20.66 -0.20 5.79
CA ASP A 112 -20.87 -1.16 6.85
C ASP A 112 -22.36 -1.40 7.11
N GLN A 113 -22.63 -2.21 8.13
CA GLN A 113 -23.97 -2.58 8.58
C GLN A 113 -24.92 -1.44 8.78
N ASN A 114 -24.40 -0.30 9.21
CA ASN A 114 -25.24 0.85 9.46
C ASN A 114 -25.19 1.84 8.32
N GLY A 115 -24.70 1.43 7.16
CA GLY A 115 -24.58 2.33 6.01
C GLY A 115 -23.43 3.36 6.02
N ASN A 116 -22.52 3.29 6.99
CA ASN A 116 -21.43 4.27 7.01
C ASN A 116 -20.29 3.91 6.07
N ASP A 117 -19.66 4.92 5.48
CA ASP A 117 -18.54 4.69 4.58
C ASP A 117 -17.32 4.19 5.34
N ARG A 118 -16.70 3.16 4.78
CA ARG A 118 -15.48 2.61 5.32
C ARG A 118 -14.52 2.40 4.16
N TYR A 119 -13.24 2.20 4.47
CA TYR A 119 -12.17 2.10 3.47
C TYR A 119 -11.27 0.91 3.78
N THR A 120 -10.76 0.26 2.74
CA THR A 120 -9.83 -0.85 2.90
C THR A 120 -8.76 -0.73 1.82
N THR A 121 -7.51 -0.71 2.26
CA THR A 121 -6.34 -0.65 1.39
C THR A 121 -5.73 -2.05 1.21
N GLU A 122 -5.53 -2.44 -0.05
CA GLU A 122 -5.03 -3.74 -0.45
C GLU A 122 -3.89 -3.57 -1.45
N ILE A 123 -3.03 -4.57 -1.55
CA ILE A 123 -1.97 -4.61 -2.53
C ILE A 123 -2.63 -5.43 -3.64
N VAL A 124 -2.78 -4.84 -4.80
CA VAL A 124 -3.52 -5.42 -5.89
C VAL A 124 -2.60 -5.69 -7.08
N LEU A 125 -2.72 -6.91 -7.59
CA LEU A 125 -2.05 -7.33 -8.81
C LEU A 125 -3.13 -7.51 -9.90
N GLN A 126 -3.22 -6.50 -10.75
CA GLN A 126 -4.28 -6.45 -11.76
CA GLN A 126 -4.28 -6.44 -11.77
C GLN A 126 -4.02 -7.48 -12.86
N LYS A 127 -5.00 -7.69 -13.73
CA LYS A 127 -4.81 -8.59 -14.86
C LYS A 127 -3.54 -8.18 -15.60
N TYR A 128 -2.76 -9.16 -16.03
CA TYR A 128 -1.51 -8.87 -16.77
C TYR A 128 -0.44 -8.01 -16.06
N ARG A 129 -0.59 -7.72 -14.77
CA ARG A 129 0.41 -6.91 -14.04
C ARG A 129 0.84 -7.61 -12.76
N GLY A 130 1.82 -7.03 -12.09
CA GLY A 130 2.29 -7.58 -10.84
C GLY A 130 3.31 -8.67 -11.02
N GLU A 131 3.97 -9.07 -9.93
CA GLU A 131 4.94 -10.16 -9.96
C GLU A 131 4.80 -10.91 -8.65
N LEU A 132 5.18 -12.19 -8.71
CA LEU A 132 5.12 -13.08 -7.55
C LEU A 132 6.16 -14.18 -7.80
N GLN A 133 7.05 -14.36 -6.84
CA GLN A 133 8.13 -15.34 -6.86
C GLN A 133 8.05 -16.13 -5.55
N MET A 134 8.05 -17.46 -5.63
CA MET A 134 8.09 -18.31 -4.42
C MET A 134 9.55 -18.37 -3.97
N LEU A 135 9.78 -18.24 -2.67
CA LEU A 135 11.14 -18.05 -2.18
C LEU A 135 11.64 -19.22 -1.35
N ASP A 136 10.82 -20.25 -1.16
CA ASP A 136 11.21 -21.37 -0.29
C ASP A 136 12.21 -22.34 -0.93
N ALA B 23 15.28 -11.72 10.13
CA ALA B 23 13.87 -11.28 9.83
C ALA B 23 13.35 -12.01 8.59
N GLY B 24 13.94 -11.69 7.45
CA GLY B 24 13.55 -12.33 6.21
C GLY B 24 12.27 -11.73 5.69
N SER B 25 12.13 -10.43 5.80
CA SER B 25 10.97 -9.77 5.24
C SER B 25 11.30 -8.39 4.73
N LEU B 26 10.37 -7.84 3.93
CA LEU B 26 10.57 -6.56 3.30
C LEU B 26 9.22 -5.92 3.11
N ASN B 27 9.17 -4.62 3.39
CA ASN B 27 7.96 -3.84 3.30
C ASN B 27 8.31 -2.49 2.71
N LYS B 28 8.04 -2.32 1.41
CA LYS B 28 8.53 -1.16 0.68
C LYS B 28 7.49 -0.67 -0.32
N VAL B 29 7.19 0.63 -0.26
CA VAL B 29 6.30 1.29 -1.16
C VAL B 29 7.13 2.33 -1.86
N ILE B 30 6.96 2.44 -3.17
CA ILE B 30 7.64 3.42 -3.97
C ILE B 30 6.57 4.15 -4.76
N LEU B 31 6.48 5.45 -4.61
CA LEU B 31 5.50 6.23 -5.34
C LEU B 31 6.16 7.35 -6.08
N ILE B 32 5.55 7.69 -7.20
CA ILE B 32 5.83 8.94 -7.87
C ILE B 32 4.47 9.50 -8.12
N GLY B 33 4.22 10.68 -7.59
CA GLY B 33 2.91 11.30 -7.72
C GLY B 33 2.96 12.77 -7.35
N ASN B 34 1.77 13.38 -7.26
CA ASN B 34 1.60 14.81 -7.08
C ASN B 34 0.84 15.09 -5.81
N LEU B 35 1.28 16.09 -5.06
CA LEU B 35 0.54 16.44 -3.85
C LEU B 35 -0.83 16.98 -4.24
N GLY B 36 -1.88 16.44 -3.61
CA GLY B 36 -3.24 16.96 -3.74
C GLY B 36 -3.50 18.28 -3.01
N ALA B 37 -2.67 18.59 -2.03
CA ALA B 37 -2.79 19.81 -1.23
C ALA B 37 -1.43 20.17 -0.68
N ASP B 38 -1.29 21.38 -0.15
CA ASP B 38 -0.06 21.78 0.55
C ASP B 38 0.23 20.81 1.69
N PRO B 39 1.52 20.53 1.95
CA PRO B 39 1.82 19.63 3.05
C PRO B 39 1.25 20.16 4.36
N GLU B 40 0.88 19.24 5.24
CA GLU B 40 0.44 19.60 6.54
C GLU B 40 1.56 19.24 7.52
N ILE B 41 2.16 20.28 8.11
CA ILE B 41 3.23 20.11 9.08
C ILE B 41 2.73 20.42 10.47
N ARG B 42 2.78 19.45 11.38
CA ARG B 42 2.34 19.69 12.76
C ARG B 42 3.53 19.46 13.66
N ARG B 43 3.58 20.19 14.77
CA ARG B 43 4.52 19.88 15.86
C ARG B 43 3.75 19.19 16.97
N LEU B 44 4.12 17.94 17.23
CA LEU B 44 3.50 17.15 18.28
C LEU B 44 3.88 17.76 19.64
N ASN B 45 3.16 17.39 20.69
CA ASN B 45 3.42 17.95 22.04
C ASN B 45 4.90 17.77 22.46
N SER B 46 5.48 16.65 22.01
CA SER B 46 6.90 16.31 22.23
C SER B 46 7.92 17.28 21.58
N GLY B 47 7.46 18.20 20.73
CA GLY B 47 8.36 19.06 19.94
C GLY B 47 8.69 18.48 18.57
N ASP B 48 8.50 17.18 18.40
CA ASP B 48 8.71 16.49 17.11
C ASP B 48 7.75 16.98 16.03
N GLN B 49 8.30 17.24 14.86
CA GLN B 49 7.51 17.61 13.70
C GLN B 49 7.07 16.36 12.91
N VAL B 50 5.88 16.43 12.30
CA VAL B 50 5.43 15.39 11.42
C VAL B 50 4.83 16.05 10.21
N ALA B 51 5.11 15.50 9.03
CA ALA B 51 4.46 15.94 7.81
C ALA B 51 3.45 14.92 7.37
N ASN B 52 2.26 15.38 7.01
CA ASN B 52 1.25 14.55 6.35
C ASN B 52 1.08 15.07 4.92
N LEU B 53 1.20 14.17 3.95
CA LEU B 53 0.99 14.50 2.55
C LEU B 53 -0.10 13.60 2.02
N ARG B 54 -0.74 14.08 0.96
CA ARG B 54 -1.70 13.28 0.21
C ARG B 54 -1.24 13.37 -1.24
N ILE B 55 -0.96 12.20 -1.82
CA ILE B 55 -0.30 12.07 -3.12
C ILE B 55 -1.25 11.34 -4.06
N ALA B 56 -1.34 11.80 -5.31
CA ALA B 56 -2.16 11.15 -6.34
C ALA B 56 -1.29 10.36 -7.30
N THR B 57 -1.70 9.14 -7.59
CA THR B 57 -1.08 8.36 -8.66
C THR B 57 -2.18 7.96 -9.61
N SER B 58 -1.88 7.83 -10.88
CA SER B 58 -2.92 7.44 -11.79
C SER B 58 -2.42 6.60 -12.96
N GLU B 59 -3.40 6.01 -13.64
CA GLU B 59 -3.25 4.90 -14.57
C GLU B 59 -4.27 5.08 -15.70
N SER B 60 -3.98 4.55 -16.88
CA SER B 60 -4.92 4.39 -18.00
C SER B 60 -4.80 2.98 -18.58
N TRP B 61 -5.87 2.51 -19.20
CA TRP B 61 -5.87 1.18 -19.83
C TRP B 61 -7.12 0.96 -20.71
N ARG B 62 -7.01 0.01 -21.64
CA ARG B 62 -8.15 -0.45 -22.41
C ARG B 62 -8.87 -1.56 -21.64
N ASP B 63 -10.16 -1.42 -21.42
CA ASP B 63 -10.90 -2.58 -20.93
C ASP B 63 -10.82 -3.71 -21.97
N ARG B 64 -10.32 -4.87 -21.56
CA ARG B 64 -10.17 -6.04 -22.46
C ARG B 64 -11.43 -6.57 -23.12
N ASN B 65 -12.56 -6.35 -22.50
CA ASN B 65 -13.80 -6.85 -23.05
C ASN B 65 -14.56 -5.80 -23.82
N THR B 66 -14.65 -4.58 -23.31
CA THR B 66 -15.46 -3.53 -23.95
C THR B 66 -14.64 -2.68 -24.95
N ASN B 67 -13.31 -2.76 -24.83
CA ASN B 67 -12.41 -1.87 -25.56
C ASN B 67 -12.52 -0.38 -25.18
N GLU B 68 -13.27 -0.06 -24.13
CA GLU B 68 -13.35 1.29 -23.57
C GLU B 68 -12.03 1.73 -22.98
N ARG B 69 -11.72 3.00 -23.14
CA ARG B 69 -10.51 3.53 -22.55
C ARG B 69 -10.81 3.95 -21.10
N LYS B 70 -10.07 3.38 -20.13
CA LYS B 70 -10.30 3.65 -18.70
C LYS B 70 -9.10 4.29 -18.04
N GLU B 71 -9.36 4.89 -16.90
CA GLU B 71 -8.40 5.74 -16.18
C GLU B 71 -8.85 5.74 -14.71
N ARG B 72 -7.89 5.70 -13.79
CA ARG B 72 -8.18 5.63 -12.36
CA ARG B 72 -8.20 5.69 -12.36
C ARG B 72 -7.06 6.30 -11.58
N THR B 73 -7.44 7.16 -10.62
CA THR B 73 -6.56 7.88 -9.75
C THR B 73 -6.67 7.29 -8.35
N GLU B 74 -5.51 7.09 -7.72
CA GLU B 74 -5.40 6.54 -6.39
C GLU B 74 -4.78 7.57 -5.46
N TRP B 75 -5.32 7.69 -4.24
CA TRP B 75 -4.86 8.68 -3.26
C TRP B 75 -4.15 7.95 -2.15
N HIS B 76 -3.02 8.49 -1.72
CA HIS B 76 -2.14 7.83 -0.78
C HIS B 76 -1.88 8.76 0.38
N ASN B 77 -2.01 8.25 1.61
CA ASN B 77 -1.75 9.08 2.75
C ASN B 77 -0.36 8.73 3.26
N ILE B 78 0.48 9.77 3.27
CA ILE B 78 1.86 9.66 3.60
C ILE B 78 2.08 10.31 4.95
N VAL B 79 2.84 9.68 5.82
CA VAL B 79 3.18 10.28 7.09
C VAL B 79 4.67 10.25 7.25
N ILE B 80 5.31 11.39 7.49
CA ILE B 80 6.76 11.48 7.53
C ILE B 80 7.24 11.90 8.89
N PHE B 81 7.99 11.03 9.55
CA PHE B 81 8.61 11.33 10.83
C PHE B 81 10.09 11.67 10.73
N ASN B 82 10.72 11.35 9.58
CA ASN B 82 12.13 11.63 9.35
C ASN B 82 12.31 13.16 9.28
N GLU B 83 13.00 13.68 10.28
CA GLU B 83 13.34 15.09 10.43
C GLU B 83 13.93 15.73 9.18
N ASN B 84 14.86 15.02 8.54
CA ASN B 84 15.52 15.60 7.40
C ASN B 84 14.49 15.83 6.32
N LEU B 85 13.59 14.87 6.14
CA LEU B 85 12.64 14.92 5.05
C LEU B 85 11.49 15.87 5.36
N VAL B 86 11.09 15.95 6.63
CA VAL B 86 10.12 16.95 7.03
C VAL B 86 10.59 18.35 6.61
N LYS B 87 11.86 18.65 6.90
CA LYS B 87 12.41 19.94 6.57
C LYS B 87 12.48 20.11 5.05
N VAL B 88 12.73 19.06 4.31
CA VAL B 88 12.64 19.19 2.85
C VAL B 88 11.23 19.55 2.44
N VAL B 89 10.25 18.82 2.96
CA VAL B 89 8.83 19.03 2.62
C VAL B 89 8.44 20.47 2.94
N GLU B 90 8.74 20.86 4.19
CA GLU B 90 8.51 22.19 4.71
C GLU B 90 9.06 23.26 3.80
N GLN B 91 10.29 23.09 3.35
CA GLN B 91 10.93 24.08 2.52
C GLN B 91 10.41 24.11 1.07
N TYR B 92 10.17 22.94 0.48
CA TYR B 92 10.02 22.89 -0.97
C TYR B 92 8.65 22.50 -1.51
N LEU B 93 7.83 21.79 -0.75
CA LEU B 93 6.64 21.15 -1.33
C LEU B 93 5.37 21.97 -1.17
N LYS B 94 4.55 21.96 -2.21
CA LYS B 94 3.28 22.68 -2.24
C LYS B 94 2.31 21.82 -3.06
N LYS B 95 1.02 22.18 -3.03
CA LYS B 95 0.02 21.55 -3.90
C LYS B 95 0.51 21.46 -5.33
N GLY B 96 0.35 20.29 -5.93
CA GLY B 96 0.86 20.03 -7.28
C GLY B 96 2.31 19.61 -7.41
N SER B 97 3.13 19.76 -6.37
CA SER B 97 4.54 19.28 -6.43
C SER B 97 4.54 17.77 -6.75
N LYS B 98 5.46 17.35 -7.61
CA LYS B 98 5.68 15.97 -7.97
C LYS B 98 6.89 15.46 -7.24
N ILE B 99 6.72 14.33 -6.55
CA ILE B 99 7.83 13.76 -5.77
C ILE B 99 7.96 12.28 -6.02
N TYR B 100 9.15 11.78 -5.70
CA TYR B 100 9.38 10.38 -5.56
C TYR B 100 9.48 10.16 -4.07
N ILE B 101 8.86 9.10 -3.61
CA ILE B 101 8.87 8.77 -2.20
CA ILE B 101 8.93 8.76 -2.19
C ILE B 101 8.95 7.26 -2.00
N GLU B 102 9.66 6.84 -0.99
CA GLU B 102 9.78 5.48 -0.61
C GLU B 102 9.49 5.42 0.88
N GLY B 103 8.63 4.49 1.27
CA GLY B 103 8.30 4.28 2.65
C GLY B 103 7.89 2.84 2.92
N GLN B 104 7.26 2.65 4.08
CA GLN B 104 6.72 1.37 4.50
C GLN B 104 5.23 1.52 4.74
N LEU B 105 4.51 0.43 4.51
CA LEU B 105 3.08 0.36 4.75
C LEU B 105 2.79 0.03 6.19
N GLN B 106 1.99 0.86 6.85
CA GLN B 106 1.55 0.60 8.22
C GLN B 106 0.07 0.88 8.34
N THR B 107 -0.65 -0.11 8.88
CA THR B 107 -2.08 -0.04 9.08
C THR B 107 -2.32 0.09 10.57
N ARG B 108 -2.82 1.21 11.02
CA ARG B 108 -3.06 1.32 12.46
C ARG B 108 -4.50 0.97 12.77
N LYS B 109 -4.69 0.35 13.93
CA LYS B 109 -6.00 -0.10 14.39
C LYS B 109 -6.46 0.79 15.53
N TRP B 110 -7.69 1.26 15.43
CA TRP B 110 -8.23 2.13 16.44
C TRP B 110 -9.73 1.90 16.63
N GLN B 111 -10.30 2.56 17.63
CA GLN B 111 -11.69 2.36 17.99
C GLN B 111 -12.39 3.69 17.91
N ASP B 112 -13.49 3.73 17.15
CA ASP B 112 -14.29 4.94 17.09
C ASP B 112 -15.16 5.04 18.35
N GLN B 113 -15.99 6.07 18.40
CA GLN B 113 -16.89 6.33 19.54
C GLN B 113 -17.75 5.14 19.97
N ASN B 114 -17.98 4.21 19.05
CA ASN B 114 -18.88 3.08 19.29
C ASN B 114 -18.19 1.78 19.74
N GLY B 115 -16.87 1.86 19.95
CA GLY B 115 -16.03 0.70 20.29
C GLY B 115 -15.72 -0.18 19.07
N ASN B 116 -16.07 0.31 17.88
CA ASN B 116 -15.87 -0.45 16.67
C ASN B 116 -14.45 -0.27 16.21
N ASP B 117 -13.81 -1.38 15.86
CA ASP B 117 -12.48 -1.37 15.32
C ASP B 117 -12.47 -0.74 13.94
N ARG B 118 -11.48 0.11 13.73
CA ARG B 118 -11.29 0.83 12.49
C ARG B 118 -9.83 0.69 12.08
N TYR B 119 -9.57 0.69 10.77
CA TYR B 119 -8.19 0.59 10.27
C TYR B 119 -7.86 1.73 9.32
N THR B 120 -6.64 2.26 9.44
CA THR B 120 -6.18 3.26 8.48
C THR B 120 -4.79 2.83 8.02
N THR B 121 -4.63 2.70 6.70
CA THR B 121 -3.36 2.31 6.11
C THR B 121 -2.62 3.55 5.61
N GLU B 122 -1.37 3.67 6.02
CA GLU B 122 -0.56 4.82 5.66
C GLU B 122 0.80 4.41 5.17
N ILE B 123 1.41 5.26 4.36
CA ILE B 123 2.79 5.06 3.93
C ILE B 123 3.65 5.90 4.86
N VAL B 124 4.47 5.24 5.66
CA VAL B 124 5.14 5.89 6.76
C VAL B 124 6.65 5.94 6.46
N LEU B 125 7.25 7.10 6.67
CA LEU B 125 8.68 7.27 6.57
C LEU B 125 9.16 7.54 8.00
N GLN B 126 9.75 6.52 8.58
CA GLN B 126 10.10 6.58 9.98
CA GLN B 126 10.15 6.50 9.97
C GLN B 126 11.38 7.39 10.14
N LYS B 127 11.69 7.76 11.37
CA LYS B 127 12.97 8.47 11.63
C LYS B 127 14.06 7.57 11.06
N TYR B 128 15.05 8.18 10.43
CA TYR B 128 16.18 7.48 9.84
C TYR B 128 15.86 6.60 8.62
N ARG B 129 14.61 6.61 8.16
CA ARG B 129 14.19 5.81 7.00
C ARG B 129 13.47 6.65 5.97
N GLY B 130 13.22 6.02 4.84
CA GLY B 130 12.47 6.63 3.79
C GLY B 130 13.37 7.47 2.92
N GLU B 131 12.81 7.83 1.77
CA GLU B 131 13.47 8.63 0.77
C GLU B 131 12.39 9.55 0.22
N LEU B 132 12.79 10.77 -0.12
CA LEU B 132 11.94 11.72 -0.81
C LEU B 132 12.82 12.49 -1.76
N GLN B 133 12.51 12.49 -3.06
CA GLN B 133 13.26 13.27 -4.05
C GLN B 133 12.25 14.22 -4.71
N MET B 134 12.62 15.48 -4.89
CA MET B 134 11.74 16.42 -5.57
C MET B 134 12.04 16.25 -7.02
N LEU B 135 10.99 16.17 -7.86
CA LEU B 135 11.16 15.82 -9.26
C LEU B 135 10.84 16.95 -10.20
N ASP B 136 10.32 18.04 -9.66
CA ASP B 136 9.96 19.21 -10.44
C ASP B 136 11.15 19.86 -11.15
UNK UNX C . -4.85 4.02 19.62
UNK UNX D . -2.44 2.08 17.74
UNK UNX E . -3.72 5.23 17.11
UNK UNX F . -2.47 7.50 15.86
UNK UNX G . 0.25 8.05 15.48
UNK UNX H . 2.59 5.91 13.53
#